data_3VGG
#
_entry.id   3VGG
#
_cell.length_a   78.538
_cell.length_b   78.538
_cell.length_c   282.312
_cell.angle_alpha   90.000
_cell.angle_beta   90.000
_cell.angle_gamma   120.000
#
_symmetry.space_group_name_H-M   'P 32 2 1'
#
loop_
_entity.id
_entity.type
_entity.pdbx_description
1 polymer 'Malto-oligosyltrehalose trehalohydrolase'
2 branched alpha-D-glucopyranose-(1-4)-alpha-D-glucopyranose-(1-4)-alpha-D-glucopyranose-(1-4)-alpha-D-glucopyranose-(1-3)-alpha-D-glucopyranose
3 non-polymer 'CITRATE ANION'
4 non-polymer GLYCEROL
5 water water
#
_entity_poly.entity_id   1
_entity_poly.type   'polypeptide(L)'
_entity_poly.pdbx_seq_one_letter_code
;TFAYKIDGNEVIFTLWAPYQKSVKLKVLEKGLYEMERDEKGYFTITLNNVKVRDRYKYVLDDASEIPDPASRYQPEGVHG
PSQIIQESKEFNNETFLKKEDLIIYEIHVGTFTPEGTFEGVIRKLDYLKDLGITAIEIMPIAQFPGKRDWGYDGVYLYAV
QNSYGGPEGFRKLVDEAHKKGLGVILDVVYNHVGPEGNYMVKLGPYFSQKYKTPWGLTFNFDDAESDEVRKFILENVEYW
IKEYNVDGFRLDAVHAIIDTSPKHILEEIADVVHKYNRIVIAQSDLNDPRVVNPKEKCGYNIDAQWVDDFHHSIHAYLTG
ERQGYYTDFGNLDDIVKSYKDVFVYDGKYSNFRRKTHGEPVGELDGCNFVVYIQNHDQVGNRGKGERIIKLVDRESYKIA
AALYLLSPYIPMIFMGEEYGEENPFYFFSDFSDSKLIQGVREGRKKENGQDTDPQDESTFNASKLSWKIDEEIFSFYKIL
IKMRKELSIACDRRVNVVNGENWLIIKGREYFSLYVFSKSSIEVKYSGTLLLSSNNSFPQHIEEGKYEFDKGFALYKL
;
_entity_poly.pdbx_strand_id   A
#
# COMPACT_ATOMS: atom_id res chain seq x y z
N TYR A 4 24.25 6.21 10.25
CA TYR A 4 25.57 5.58 10.56
C TYR A 4 26.00 4.43 9.61
N LYS A 5 27.30 4.07 9.67
CA LYS A 5 27.89 2.91 8.96
C LYS A 5 28.95 2.23 9.82
N ILE A 6 28.83 0.90 9.94
CA ILE A 6 29.81 0.07 10.67
C ILE A 6 30.96 -0.43 9.74
N ASP A 7 32.12 0.23 9.81
CA ASP A 7 33.32 -0.04 8.98
C ASP A 7 34.19 -1.23 9.48
N GLY A 8 34.79 -1.11 10.68
CA GLY A 8 35.50 -2.23 11.34
C GLY A 8 34.97 -2.46 12.76
N ASN A 9 35.83 -2.18 13.75
CA ASN A 9 35.42 -2.00 15.17
C ASN A 9 34.72 -0.65 15.37
N GLU A 10 34.79 0.19 14.33
CA GLU A 10 34.44 1.59 14.44
C GLU A 10 33.27 1.95 13.55
N VAL A 11 32.52 2.95 13.99
CA VAL A 11 31.33 3.43 13.25
C VAL A 11 31.34 4.93 12.95
N ILE A 12 31.05 5.27 11.70
CA ILE A 12 31.03 6.66 11.27
C ILE A 12 29.60 7.18 11.37
N PHE A 13 29.43 8.38 11.90
CA PHE A 13 28.13 9.03 11.90
C PHE A 13 28.11 10.15 10.90
N THR A 14 27.09 10.13 10.05
CA THR A 14 26.93 11.13 9.00
C THR A 14 25.58 11.81 9.15
N LEU A 15 25.59 13.13 9.35
CA LEU A 15 24.35 13.89 9.47
C LEU A 15 24.40 15.06 8.50
N TRP A 16 23.44 15.13 7.57
CA TRP A 16 23.34 16.27 6.65
C TRP A 16 22.57 17.39 7.34
N ALA A 17 23.20 18.54 7.47
CA ALA A 17 22.60 19.64 8.18
C ALA A 17 23.17 21.00 7.76
N PRO A 18 22.89 21.43 6.50
CA PRO A 18 23.46 22.66 6.00
C PRO A 18 23.02 23.89 6.78
N TYR A 19 21.77 23.97 7.24
CA TYR A 19 21.36 25.10 8.09
C TYR A 19 22.19 25.20 9.38
N GLN A 20 22.91 24.16 9.73
CA GLN A 20 23.62 24.17 11.00
C GLN A 20 25.11 24.58 10.92
N LYS A 21 25.54 25.36 11.90
CA LYS A 21 26.94 25.84 11.99
C LYS A 21 27.87 24.80 12.61
N SER A 22 27.43 24.21 13.73
CA SER A 22 28.09 23.05 14.31
C SER A 22 27.24 22.14 15.17
N VAL A 23 27.43 20.84 14.95
CA VAL A 23 26.62 19.83 15.58
C VAL A 23 27.47 18.90 16.45
N LYS A 24 26.97 18.66 17.66
CA LYS A 24 27.57 17.67 18.54
C LYS A 24 26.85 16.30 18.45
N LEU A 25 27.64 15.25 18.33
CA LEU A 25 27.17 13.89 18.51
C LEU A 25 27.14 13.62 20.02
N LYS A 26 25.98 13.26 20.58
CA LYS A 26 25.88 12.95 22.00
C LYS A 26 25.43 11.53 22.18
N VAL A 27 26.35 10.67 22.64
CA VAL A 27 26.02 9.28 22.90
C VAL A 27 25.67 9.17 24.36
N LEU A 28 24.41 8.85 24.64
CA LEU A 28 23.93 8.73 26.01
C LEU A 28 24.86 7.77 26.74
N GLU A 29 25.41 8.24 27.88
CA GLU A 29 26.29 7.50 28.82
C GLU A 29 27.76 7.48 28.40
N LYS A 30 28.05 8.01 27.21
CA LYS A 30 29.40 7.92 26.65
C LYS A 30 30.11 9.27 26.60
N GLY A 31 29.49 10.24 25.97
CA GLY A 31 30.09 11.57 25.88
C GLY A 31 29.34 12.49 24.96
N LEU A 32 29.97 13.61 24.61
CA LEU A 32 29.44 14.55 23.64
C LEU A 32 30.60 14.93 22.70
N TYR A 33 30.49 14.58 21.41
CA TYR A 33 31.60 14.70 20.48
C TYR A 33 31.31 15.69 19.37
N GLU A 34 32.26 16.58 19.12
CA GLU A 34 32.13 17.57 18.06
C GLU A 34 32.35 16.89 16.71
N MET A 35 31.52 17.25 15.72
CA MET A 35 31.58 16.63 14.38
C MET A 35 32.21 17.56 13.36
N GLU A 36 32.89 16.96 12.37
CA GLU A 36 33.52 17.70 11.30
C GLU A 36 32.58 18.02 10.14
N ARG A 37 32.73 19.22 9.56
CA ARG A 37 31.81 19.74 8.55
C ARG A 37 32.44 19.94 7.16
N ASP A 38 31.87 19.34 6.12
CA ASP A 38 32.30 19.64 4.74
C ASP A 38 31.44 20.72 4.12
N GLU A 39 31.99 21.41 3.11
CA GLU A 39 31.36 22.58 2.51
C GLU A 39 29.90 22.35 1.98
N LYS A 40 29.48 21.09 1.81
CA LYS A 40 28.12 20.72 1.36
C LYS A 40 27.08 20.67 2.50
N GLY A 41 27.57 20.72 3.75
CA GLY A 41 26.69 20.74 4.94
C GLY A 41 26.57 19.43 5.68
N TYR A 42 27.37 18.43 5.28
CA TYR A 42 27.47 17.15 5.99
C TYR A 42 28.42 17.24 7.20
N PHE A 43 27.96 16.76 8.37
CA PHE A 43 28.81 16.61 9.57
C PHE A 43 29.19 15.15 9.79
N THR A 44 30.46 14.87 10.02
CA THR A 44 30.87 13.46 10.22
C THR A 44 31.71 13.26 11.50
N ILE A 45 31.75 12.02 11.98
CA ILE A 45 32.71 11.57 13.01
C ILE A 45 32.88 10.06 13.04
N THR A 46 34.13 9.59 13.10
CA THR A 46 34.36 8.15 13.28
C THR A 46 34.66 7.80 14.72
N LEU A 47 33.81 6.94 15.29
CA LEU A 47 33.94 6.54 16.68
C LEU A 47 34.20 5.06 16.80
N ASN A 48 34.95 4.69 17.85
CA ASN A 48 35.32 3.29 18.08
C ASN A 48 34.88 2.78 19.44
N ASN A 49 34.33 3.65 20.29
CA ASN A 49 33.82 3.25 21.62
C ASN A 49 32.33 2.89 21.59
N VAL A 50 31.81 2.63 20.38
CA VAL A 50 30.39 2.47 20.16
C VAL A 50 30.05 1.05 19.76
N LYS A 51 28.98 0.53 20.39
CA LYS A 51 28.47 -0.83 20.25
C LYS A 51 26.98 -0.85 20.04
N VAL A 52 26.50 -1.99 19.53
CA VAL A 52 25.09 -2.19 19.30
C VAL A 52 24.29 -1.92 20.57
N ARG A 53 23.13 -1.32 20.40
CA ARG A 53 22.22 -0.94 21.47
C ARG A 53 22.51 0.42 22.13
N ASP A 54 23.67 1.03 21.83
CA ASP A 54 23.94 2.40 22.28
C ASP A 54 22.90 3.37 21.73
N ARG A 55 22.62 4.41 22.50
CA ARG A 55 21.61 5.37 22.12
C ARG A 55 22.31 6.69 21.90
N TYR A 56 21.67 7.56 21.12
CA TYR A 56 22.26 8.84 20.76
C TYR A 56 21.23 9.87 20.28
N LYS A 57 21.64 11.13 20.35
CA LYS A 57 20.95 12.20 19.69
C LYS A 57 22.03 13.13 19.09
N TYR A 58 21.60 14.12 18.30
CA TYR A 58 22.50 15.18 17.83
C TYR A 58 22.11 16.51 18.50
N VAL A 59 23.11 17.28 18.95
CA VAL A 59 22.83 18.57 19.58
C VAL A 59 23.27 19.74 18.70
N LEU A 60 22.37 20.68 18.52
CA LEU A 60 22.50 21.68 17.48
C LEU A 60 23.18 22.97 17.89
N ASP A 61 23.40 23.85 16.90
CA ASP A 61 23.67 25.25 17.12
C ASP A 61 22.87 25.70 18.31
N ASP A 62 21.58 25.37 18.24
CA ASP A 62 20.52 25.69 19.18
C ASP A 62 20.81 25.31 20.65
N ALA A 63 21.74 24.37 20.83
CA ALA A 63 21.85 23.56 22.05
C ALA A 63 20.68 22.55 22.18
N SER A 64 19.68 22.64 21.31
CA SER A 64 18.57 21.66 21.33
C SER A 64 19.06 20.32 20.84
N GLU A 65 18.40 19.26 21.30
CA GLU A 65 18.73 17.87 20.97
C GLU A 65 17.64 17.21 20.11
N ILE A 66 18.06 16.37 19.18
CA ILE A 66 17.11 15.77 18.24
C ILE A 66 17.55 14.37 17.87
N PRO A 67 16.59 13.51 17.51
CA PRO A 67 17.03 12.19 17.11
C PRO A 67 17.56 12.20 15.69
N ASP A 68 18.41 11.22 15.36
CA ASP A 68 18.91 11.00 14.01
C ASP A 68 17.77 10.83 12.97
N PRO A 69 17.63 11.79 12.06
CA PRO A 69 16.51 11.63 11.11
C PRO A 69 16.65 10.38 10.25
N ALA A 70 17.85 9.81 10.23
CA ALA A 70 18.15 8.62 9.46
C ALA A 70 18.14 7.42 10.40
N SER A 71 17.58 7.61 11.58
CA SER A 71 17.66 6.64 12.66
C SER A 71 17.21 5.28 12.16
N ARG A 72 17.92 4.23 12.55
CA ARG A 72 17.45 2.88 12.23
C ARG A 72 16.49 2.31 13.29
N TYR A 73 16.30 3.04 14.39
CA TYR A 73 15.44 2.56 15.50
C TYR A 73 15.18 3.61 16.58
N GLN A 74 13.90 3.78 16.89
CA GLN A 74 13.43 4.79 17.79
C GLN A 74 12.73 4.13 19.02
N PRO A 75 13.55 3.64 19.97
CA PRO A 75 13.08 2.77 21.03
C PRO A 75 11.98 3.41 21.80
N GLU A 76 12.03 4.73 21.97
CA GLU A 76 11.02 5.41 22.78
C GLU A 76 10.20 6.39 21.95
N GLY A 77 9.89 5.98 20.73
CA GLY A 77 9.03 6.77 19.87
C GLY A 77 9.71 8.01 19.31
N VAL A 78 8.88 8.91 18.80
CA VAL A 78 9.36 9.92 17.86
C VAL A 78 10.23 11.02 18.48
N HIS A 79 10.11 11.23 19.77
CA HIS A 79 10.86 12.31 20.43
C HIS A 79 12.02 11.74 21.21
N GLY A 80 12.09 10.41 21.28
CA GLY A 80 13.13 9.69 22.00
C GLY A 80 14.49 9.62 21.31
N PRO A 81 15.49 9.03 22.00
CA PRO A 81 16.81 8.86 21.39
C PRO A 81 16.82 7.82 20.27
N SER A 82 17.69 8.01 19.28
CA SER A 82 17.94 7.01 18.25
C SER A 82 18.82 5.88 18.83
N GLN A 83 18.79 4.67 18.29
CA GLN A 83 19.60 3.56 18.85
C GLN A 83 20.31 2.71 17.79
N ILE A 84 21.54 2.29 18.06
CA ILE A 84 22.35 1.52 17.10
C ILE A 84 21.89 0.08 16.95
N ILE A 85 21.56 -0.31 15.72
CA ILE A 85 20.96 -1.59 15.36
C ILE A 85 22.06 -2.49 14.77
N GLN A 86 21.85 -3.81 14.82
CA GLN A 86 22.72 -4.72 14.08
C GLN A 86 22.56 -4.62 12.54
N GLU A 87 23.60 -4.14 11.84
CA GLU A 87 23.66 -4.12 10.35
C GLU A 87 23.83 -5.51 9.69
N SER A 88 23.10 -6.54 10.16
CA SER A 88 23.10 -7.86 9.50
C SER A 88 22.51 -7.79 8.06
N LYS A 89 23.43 -7.62 7.10
CA LYS A 89 23.12 -7.17 5.71
C LYS A 89 22.98 -8.27 4.61
N GLU A 90 22.43 -9.44 4.96
CA GLU A 90 22.16 -10.54 4.02
C GLU A 90 20.85 -10.28 3.34
N PHE A 91 20.87 -10.38 2.02
CA PHE A 91 19.67 -10.26 1.24
C PHE A 91 19.93 -11.13 0.03
N ASN A 92 18.93 -11.86 -0.41
CA ASN A 92 19.02 -12.65 -1.62
C ASN A 92 19.26 -11.69 -2.72
N ASN A 93 19.85 -12.13 -3.81
CA ASN A 93 20.07 -11.17 -4.90
C ASN A 93 18.81 -11.01 -5.76
N GLU A 94 17.85 -11.88 -5.49
CA GLU A 94 16.66 -11.96 -6.30
C GLU A 94 15.43 -12.37 -5.48
N THR A 95 14.31 -11.67 -5.62
CA THR A 95 13.03 -12.18 -5.09
C THR A 95 12.51 -13.40 -5.86
N PHE A 96 11.91 -14.36 -5.14
CA PHE A 96 11.27 -15.51 -5.79
C PHE A 96 9.88 -15.17 -6.40
N LEU A 97 9.24 -14.09 -5.91
CA LEU A 97 7.95 -13.59 -6.43
C LEU A 97 7.97 -13.35 -7.91
N LYS A 98 7.09 -14.01 -8.67
CA LYS A 98 6.90 -13.64 -10.08
C LYS A 98 5.68 -12.72 -10.14
N LYS A 99 5.86 -11.52 -10.71
CA LYS A 99 4.78 -10.55 -10.90
C LYS A 99 3.53 -11.19 -11.52
N GLU A 100 3.71 -11.98 -12.58
CA GLU A 100 2.59 -12.63 -13.21
C GLU A 100 1.71 -13.41 -12.20
N ASP A 101 2.31 -13.85 -11.08
CA ASP A 101 1.65 -14.77 -10.10
C ASP A 101 1.15 -14.14 -8.82
N LEU A 102 1.20 -12.83 -8.79
CA LEU A 102 1.02 -12.05 -7.59
C LEU A 102 -0.45 -11.98 -7.14
N ILE A 103 -0.72 -12.42 -5.92
CA ILE A 103 -1.97 -12.16 -5.22
C ILE A 103 -1.60 -11.55 -3.87
N ILE A 104 -2.09 -10.34 -3.65
CA ILE A 104 -1.63 -9.48 -2.55
C ILE A 104 -2.63 -9.48 -1.39
N TYR A 105 -2.11 -9.53 -0.17
CA TYR A 105 -2.95 -9.41 1.04
C TYR A 105 -2.54 -8.16 1.82
N GLU A 106 -3.46 -7.22 2.01
CA GLU A 106 -3.09 -5.96 2.66
C GLU A 106 -3.19 -6.09 4.17
N ILE A 107 -2.13 -5.77 4.90
CA ILE A 107 -2.16 -5.87 6.35
C ILE A 107 -1.79 -4.56 7.07
N HIS A 108 -2.59 -4.21 8.09
CA HIS A 108 -2.19 -3.18 9.03
C HIS A 108 -1.85 -3.88 10.34
N VAL A 109 -0.57 -4.09 10.54
CA VAL A 109 -0.05 -4.77 11.69
C VAL A 109 -0.81 -4.48 12.99
N GLY A 110 -0.97 -3.20 13.32
CA GLY A 110 -1.61 -2.82 14.59
C GLY A 110 -2.95 -3.49 14.85
N THR A 111 -3.79 -3.60 13.83
CA THR A 111 -5.15 -4.13 14.04
C THR A 111 -5.40 -5.52 13.43
N PHE A 112 -4.43 -6.05 12.68
CA PHE A 112 -4.53 -7.36 12.06
C PHE A 112 -4.91 -8.52 13.00
N THR A 113 -4.68 -8.36 14.28
CA THR A 113 -4.41 -9.50 15.16
C THR A 113 -4.48 -9.00 16.60
N PRO A 114 -5.06 -9.79 17.53
CA PRO A 114 -5.04 -9.36 18.92
C PRO A 114 -3.69 -8.81 19.40
N GLU A 115 -2.58 -9.43 19.00
CA GLU A 115 -1.27 -8.96 19.43
C GLU A 115 -0.95 -7.58 18.89
N GLY A 116 -1.37 -7.30 17.64
CA GLY A 116 -1.02 -6.07 16.93
C GLY A 116 0.47 -5.85 16.68
N THR A 117 1.21 -6.92 16.51
CA THR A 117 2.66 -6.87 16.28
C THR A 117 3.01 -7.79 15.13
N PHE A 118 4.25 -7.70 14.62
CA PHE A 118 4.77 -8.63 13.61
C PHE A 118 4.66 -10.09 14.03
N GLU A 119 4.96 -10.34 15.30
CA GLU A 119 4.73 -11.66 15.85
C GLU A 119 3.32 -12.18 15.49
N GLY A 120 2.31 -11.31 15.55
CA GLY A 120 0.95 -11.72 15.33
C GLY A 120 0.82 -12.10 13.87
N VAL A 121 1.44 -11.32 12.99
CA VAL A 121 1.30 -11.59 11.57
C VAL A 121 2.01 -12.93 11.23
N ILE A 122 3.14 -13.20 11.88
CA ILE A 122 3.84 -14.48 11.70
C ILE A 122 2.90 -15.64 12.02
N ARG A 123 2.11 -15.42 13.07
CA ARG A 123 1.17 -16.44 13.53
C ARG A 123 0.08 -16.74 12.46
N LYS A 124 -0.20 -15.79 11.57
CA LYS A 124 -1.20 -16.01 10.53
C LYS A 124 -0.63 -16.44 9.16
N LEU A 125 0.68 -16.64 9.11
CA LEU A 125 1.32 -17.04 7.86
C LEU A 125 0.78 -18.35 7.29
N ASP A 126 0.59 -19.37 8.13
CA ASP A 126 0.03 -20.61 7.55
C ASP A 126 -1.33 -20.36 6.90
N TYR A 127 -2.10 -19.48 7.52
CA TYR A 127 -3.47 -19.24 7.17
C TYR A 127 -3.43 -18.59 5.82
N LEU A 128 -2.62 -17.54 5.74
CA LEU A 128 -2.42 -16.83 4.49
C LEU A 128 -1.95 -17.77 3.37
N LYS A 129 -0.85 -18.51 3.62
CA LYS A 129 -0.33 -19.46 2.64
C LYS A 129 -1.44 -20.39 2.11
N ASP A 130 -2.19 -20.96 3.02
CA ASP A 130 -3.26 -21.87 2.70
C ASP A 130 -4.38 -21.18 1.88
N LEU A 131 -4.70 -19.95 2.25
CA LEU A 131 -5.69 -19.18 1.54
C LEU A 131 -5.34 -19.10 0.03
N GLY A 132 -4.04 -18.99 -0.26
CA GLY A 132 -3.54 -18.93 -1.64
C GLY A 132 -2.87 -17.64 -2.06
N ILE A 133 -2.74 -16.69 -1.13
CA ILE A 133 -2.06 -15.40 -1.26
C ILE A 133 -0.64 -15.73 -1.59
N THR A 134 0.04 -14.87 -2.35
CA THR A 134 1.45 -15.11 -2.62
C THR A 134 2.40 -14.04 -2.03
N ALA A 135 1.83 -12.92 -1.59
CA ALA A 135 2.61 -11.83 -1.02
C ALA A 135 1.71 -10.97 -0.13
N ILE A 136 2.25 -10.57 1.02
CA ILE A 136 1.52 -9.72 1.95
C ILE A 136 2.05 -8.32 1.80
N GLU A 137 1.18 -7.30 1.75
CA GLU A 137 1.64 -5.90 1.75
C GLU A 137 1.39 -5.29 3.11
N ILE A 138 2.47 -4.81 3.73
CA ILE A 138 2.45 -4.23 5.07
C ILE A 138 2.34 -2.70 5.02
N MET A 139 1.33 -2.16 5.67
CA MET A 139 1.17 -0.73 5.73
C MET A 139 2.35 -0.06 6.50
N PRO A 140 2.66 1.23 6.19
CA PRO A 140 3.91 1.81 6.64
C PRO A 140 4.33 1.51 8.10
N ILE A 141 5.58 1.06 8.21
CA ILE A 141 6.10 0.67 9.47
C ILE A 141 7.15 1.67 9.88
N ALA A 142 7.33 2.70 9.07
CA ALA A 142 8.28 3.74 9.43
C ALA A 142 7.76 4.49 10.68
N GLN A 143 8.63 4.60 11.71
CA GLN A 143 8.23 5.08 13.05
C GLN A 143 7.31 6.30 13.00
N PHE A 144 6.13 6.18 13.62
CA PHE A 144 5.13 7.27 13.62
C PHE A 144 4.84 7.55 15.06
N PRO A 145 4.11 8.63 15.38
CA PRO A 145 3.91 8.90 16.82
C PRO A 145 3.04 7.85 17.47
N GLY A 146 3.20 7.67 18.78
CA GLY A 146 2.28 6.80 19.54
C GLY A 146 2.26 5.34 19.12
N LYS A 147 1.08 4.70 19.16
CA LYS A 147 0.96 3.27 18.82
C LYS A 147 -0.16 3.03 17.81
N ARG A 148 -1.02 4.02 17.60
CA ARG A 148 -2.19 3.83 16.79
C ARG A 148 -2.25 4.80 15.61
N ASP A 149 -1.96 4.27 14.43
CA ASP A 149 -1.81 5.04 13.23
C ASP A 149 -1.79 4.06 12.05
N TRP A 150 -2.40 4.45 10.94
CA TRP A 150 -2.29 3.69 9.72
C TRP A 150 -0.82 3.54 9.25
N GLY A 151 -0.02 4.58 9.52
CA GLY A 151 1.37 4.59 9.15
C GLY A 151 1.73 5.79 8.32
N TYR A 152 0.73 6.45 7.72
CA TYR A 152 1.01 7.59 6.87
C TYR A 152 1.53 8.81 7.65
N ASP A 153 1.51 8.75 8.97
CA ASP A 153 2.08 9.85 9.79
C ASP A 153 3.50 9.53 10.21
N GLY A 154 4.06 8.49 9.59
CA GLY A 154 5.44 8.09 9.82
C GLY A 154 6.37 9.26 9.60
N VAL A 155 7.42 9.32 10.41
CA VAL A 155 8.27 10.49 10.46
C VAL A 155 9.80 10.15 10.54
N TYR A 156 10.16 8.85 10.61
CA TYR A 156 11.54 8.37 10.48
C TYR A 156 11.60 7.27 9.49
N LEU A 157 11.95 7.63 8.27
CA LEU A 157 11.89 6.70 7.14
C LEU A 157 12.67 5.41 7.29
N TYR A 158 13.69 5.37 8.14
CA TYR A 158 14.50 4.17 8.24
C TYR A 158 14.27 3.36 9.55
N ALA A 159 13.39 3.85 10.46
CA ALA A 159 13.12 3.14 11.72
C ALA A 159 11.84 2.30 11.73
N VAL A 160 11.98 1.03 12.10
CA VAL A 160 10.82 0.16 12.14
C VAL A 160 10.12 0.45 13.43
N GLN A 161 8.85 0.80 13.33
CA GLN A 161 8.01 1.15 14.48
C GLN A 161 8.34 0.32 15.73
N ASN A 162 8.67 1.01 16.83
CA ASN A 162 8.92 0.29 18.09
C ASN A 162 7.77 -0.66 18.47
N SER A 163 6.55 -0.17 18.42
CA SER A 163 5.46 -0.87 19.03
C SER A 163 4.96 -2.07 18.19
N TYR A 164 5.46 -2.20 16.97
CA TYR A 164 5.08 -3.34 16.15
C TYR A 164 6.06 -4.46 16.45
N GLY A 165 7.12 -4.16 17.17
CA GLY A 165 8.10 -5.18 17.52
C GLY A 165 9.47 -4.87 16.95
N GLY A 166 9.65 -3.62 16.55
CA GLY A 166 10.93 -3.11 16.06
C GLY A 166 11.61 -3.86 14.93
N PRO A 167 12.88 -3.53 14.67
CA PRO A 167 13.69 -4.17 13.64
C PRO A 167 13.77 -5.70 13.74
N GLU A 168 13.98 -6.25 14.93
CA GLU A 168 14.16 -7.72 15.02
C GLU A 168 12.85 -8.42 14.63
N GLY A 169 11.73 -7.82 14.98
CA GLY A 169 10.44 -8.36 14.62
C GLY A 169 10.19 -8.30 13.13
N PHE A 170 10.54 -7.19 12.49
CA PHE A 170 10.26 -7.11 11.08
C PHE A 170 11.12 -8.07 10.31
N ARG A 171 12.39 -8.11 10.66
CA ARG A 171 13.33 -9.06 10.11
C ARG A 171 12.76 -10.47 10.24
N LYS A 172 12.33 -10.86 11.44
CA LYS A 172 11.75 -12.18 11.69
C LYS A 172 10.53 -12.41 10.80
N LEU A 173 9.63 -11.42 10.71
CA LEU A 173 8.48 -11.60 9.86
C LEU A 173 8.88 -11.89 8.44
N VAL A 174 9.90 -11.22 7.91
CA VAL A 174 10.23 -11.52 6.53
C VAL A 174 10.99 -12.83 6.36
N ASP A 175 11.82 -13.19 7.31
CA ASP A 175 12.44 -14.53 7.23
C ASP A 175 11.37 -15.62 7.27
N GLU A 176 10.34 -15.43 8.08
CA GLU A 176 9.34 -16.48 8.27
C GLU A 176 8.39 -16.56 7.09
N ALA A 177 8.07 -15.44 6.47
CA ALA A 177 7.24 -15.51 5.27
C ALA A 177 7.99 -16.14 4.10
N HIS A 178 9.30 -15.92 4.07
CA HIS A 178 10.09 -16.53 3.02
C HIS A 178 10.15 -18.04 3.24
N LYS A 179 10.21 -18.45 4.51
CA LYS A 179 10.31 -19.85 4.87
C LYS A 179 9.03 -20.53 4.36
N LYS A 180 7.88 -19.89 4.50
CA LYS A 180 6.63 -20.47 4.01
C LYS A 180 6.38 -20.15 2.53
N GLY A 181 7.29 -19.47 1.87
CA GLY A 181 7.10 -19.15 0.46
C GLY A 181 6.13 -18.04 0.19
N LEU A 182 6.07 -17.03 1.06
CA LEU A 182 5.29 -15.80 0.78
C LEU A 182 6.25 -14.59 0.72
N GLY A 183 5.87 -13.58 -0.07
CA GLY A 183 6.70 -12.39 -0.19
C GLY A 183 6.20 -11.29 0.72
N VAL A 184 7.08 -10.40 1.16
CA VAL A 184 6.56 -9.23 1.76
C VAL A 184 6.82 -8.00 0.91
N ILE A 185 5.75 -7.24 0.69
CA ILE A 185 5.80 -5.96 0.05
C ILE A 185 5.61 -4.87 1.11
N LEU A 186 6.39 -3.80 1.04
CA LEU A 186 6.33 -2.76 2.04
C LEU A 186 5.75 -1.42 1.47
N ASP A 187 4.79 -0.87 2.18
CA ASP A 187 4.17 0.36 1.79
C ASP A 187 5.07 1.45 2.32
N VAL A 188 5.63 2.28 1.44
CA VAL A 188 6.57 3.34 1.86
C VAL A 188 6.12 4.67 1.33
N VAL A 189 6.44 5.71 2.09
CA VAL A 189 5.86 7.03 1.92
C VAL A 189 6.92 8.06 1.61
N TYR A 190 7.03 8.50 0.35
CA TYR A 190 8.07 9.43 -0.08
C TYR A 190 7.50 10.75 -0.53
N ASN A 191 6.22 10.92 -0.29
CA ASN A 191 5.51 12.07 -0.82
C ASN A 191 5.35 13.18 0.22
N HIS A 192 5.41 12.80 1.47
CA HIS A 192 5.27 13.71 2.56
C HIS A 192 5.83 13.07 3.85
N VAL A 193 5.64 13.80 4.95
CA VAL A 193 6.19 13.46 6.24
C VAL A 193 5.12 13.88 7.26
N GLY A 194 4.92 13.05 8.27
CA GLY A 194 3.98 13.31 9.35
C GLY A 194 4.24 14.59 10.13
N PRO A 195 3.19 15.15 10.75
CA PRO A 195 3.25 16.41 11.48
C PRO A 195 4.00 16.40 12.82
N GLU A 196 4.07 15.27 13.52
CA GLU A 196 4.72 15.24 14.82
C GLU A 196 6.05 14.47 14.78
N GLY A 197 7.05 14.99 15.48
CA GLY A 197 8.30 14.27 15.63
C GLY A 197 9.21 14.38 14.44
N ASN A 198 8.90 15.30 13.53
CA ASN A 198 9.81 15.57 12.45
C ASN A 198 10.79 16.67 12.81
N TYR A 199 12.09 16.40 12.68
CA TYR A 199 13.07 17.41 13.06
C TYR A 199 13.87 18.01 11.93
N MET A 200 13.58 17.55 10.72
CA MET A 200 14.40 17.81 9.59
C MET A 200 14.39 19.28 9.20
N VAL A 201 13.30 19.99 9.50
CA VAL A 201 13.14 21.40 9.10
C VAL A 201 14.27 22.23 9.65
N LYS A 202 14.72 21.83 10.83
CA LYS A 202 15.80 22.53 11.51
C LYS A 202 17.16 22.32 10.86
N LEU A 203 17.28 21.36 9.94
CA LEU A 203 18.59 20.90 9.49
C LEU A 203 19.02 21.42 8.13
N GLY A 204 18.06 21.49 7.21
CA GLY A 204 18.33 21.87 5.82
C GLY A 204 17.04 21.78 5.01
N PRO A 205 17.10 22.14 3.70
CA PRO A 205 15.87 22.22 2.91
C PRO A 205 15.40 20.87 2.42
N TYR A 206 15.02 20.00 3.38
CA TYR A 206 14.46 18.69 3.06
C TYR A 206 13.14 18.81 2.34
N PHE A 207 12.40 19.88 2.63
CA PHE A 207 11.08 20.11 2.04
C PHE A 207 10.97 21.28 1.08
N SER A 208 9.89 21.29 0.31
CA SER A 208 9.80 22.17 -0.81
C SER A 208 9.03 23.45 -0.44
N GLN A 209 9.52 24.60 -0.90
CA GLN A 209 8.74 25.86 -0.88
C GLN A 209 7.66 25.76 -1.95
N LYS A 210 8.04 25.15 -3.07
CA LYS A 210 7.26 25.18 -4.29
C LYS A 210 5.90 24.52 -4.16
N TYR A 211 5.86 23.32 -3.62
CA TYR A 211 4.64 22.52 -3.70
C TYR A 211 4.17 22.05 -2.32
N LYS A 212 2.97 21.46 -2.26
CA LYS A 212 2.45 20.97 -0.95
C LYS A 212 1.44 19.83 -1.08
N THR A 213 1.39 18.98 -0.05
CA THR A 213 0.40 17.88 0.04
C THR A 213 -0.59 18.12 1.21
N PRO A 214 -1.86 17.66 1.03
CA PRO A 214 -2.88 17.76 2.06
C PRO A 214 -2.46 17.30 3.46
N TRP A 215 -1.42 16.45 3.53
CA TRP A 215 -1.09 15.66 4.74
C TRP A 215 0.17 16.12 5.47
N GLY A 216 0.84 17.10 4.87
CA GLY A 216 2.06 17.60 5.44
C GLY A 216 2.99 18.15 4.39
N LEU A 217 4.21 18.41 4.84
CA LEU A 217 5.24 19.04 4.04
C LEU A 217 5.77 17.97 3.07
N THR A 218 5.84 18.33 1.77
CA THR A 218 6.44 17.45 0.73
C THR A 218 7.99 17.55 0.58
N PHE A 219 8.62 16.46 0.17
CA PHE A 219 10.06 16.53 -0.07
C PHE A 219 10.49 17.47 -1.21
N ASN A 220 11.74 17.95 -1.12
CA ASN A 220 12.38 18.77 -2.14
C ASN A 220 13.25 17.96 -3.10
N PHE A 221 12.77 17.72 -4.32
CA PHE A 221 13.51 16.87 -5.26
C PHE A 221 14.21 17.63 -6.40
N ASP A 222 13.87 18.91 -6.54
CA ASP A 222 14.27 19.62 -7.74
C ASP A 222 14.67 21.06 -7.58
N ASP A 223 14.79 21.50 -6.34
CA ASP A 223 15.23 22.87 -6.08
C ASP A 223 16.61 22.83 -5.42
N ALA A 224 17.08 23.98 -4.97
CA ALA A 224 18.41 24.09 -4.40
C ALA A 224 18.57 23.02 -3.36
N GLU A 225 19.69 22.33 -3.46
CA GLU A 225 20.16 21.42 -2.42
C GLU A 225 19.53 20.01 -2.39
N SER A 226 18.72 19.70 -3.41
CA SER A 226 17.98 18.44 -3.48
C SER A 226 18.81 17.21 -3.78
N ASP A 227 20.05 17.34 -4.22
CA ASP A 227 20.88 16.12 -4.43
C ASP A 227 20.78 15.27 -3.17
N GLU A 228 20.95 15.92 -2.04
CA GLU A 228 21.07 15.27 -0.74
C GLU A 228 19.77 14.58 -0.32
N VAL A 229 18.65 15.23 -0.63
CA VAL A 229 17.37 14.63 -0.37
C VAL A 229 16.98 13.54 -1.36
N ARG A 230 17.23 13.75 -2.65
CA ARG A 230 17.07 12.61 -3.58
C ARG A 230 17.79 11.38 -2.97
N LYS A 231 19.00 11.60 -2.47
CA LYS A 231 19.81 10.55 -1.91
C LYS A 231 19.14 9.88 -0.69
N PHE A 232 18.71 10.69 0.27
CA PHE A 232 18.00 10.20 1.44
C PHE A 232 16.86 9.22 1.06
N ILE A 233 16.01 9.61 0.11
CA ILE A 233 14.96 8.71 -0.38
C ILE A 233 15.49 7.51 -1.15
N LEU A 234 16.37 7.72 -2.11
CA LEU A 234 16.90 6.58 -2.85
C LEU A 234 17.63 5.58 -1.98
N GLU A 235 18.34 6.06 -0.97
CA GLU A 235 19.07 5.13 -0.12
C GLU A 235 18.15 4.38 0.82
N ASN A 236 16.95 4.92 1.00
CA ASN A 236 15.97 4.26 1.81
C ASN A 236 15.45 3.01 1.09
N VAL A 237 15.23 3.10 -0.21
CA VAL A 237 14.81 1.89 -0.93
C VAL A 237 15.92 0.87 -1.02
N GLU A 238 17.13 1.32 -1.28
CA GLU A 238 18.28 0.43 -1.08
C GLU A 238 18.24 -0.22 0.31
N TYR A 239 17.96 0.57 1.34
CA TYR A 239 18.12 0.06 2.69
C TYR A 239 17.10 -1.04 3.06
N TRP A 240 15.83 -0.81 2.71
CA TRP A 240 14.81 -1.80 2.96
C TRP A 240 15.19 -3.07 2.22
N ILE A 241 15.76 -2.97 1.03
CA ILE A 241 16.11 -4.21 0.36
C ILE A 241 17.25 -4.94 1.06
N LYS A 242 18.37 -4.27 1.30
CA LYS A 242 19.57 -4.96 1.83
C LYS A 242 19.46 -5.35 3.29
N GLU A 243 18.88 -4.50 4.09
CA GLU A 243 18.91 -4.70 5.53
C GLU A 243 17.71 -5.52 6.03
N TYR A 244 16.61 -5.57 5.24
CA TYR A 244 15.43 -6.38 5.60
C TYR A 244 15.03 -7.43 4.61
N ASN A 245 15.61 -7.39 3.43
CA ASN A 245 15.35 -8.41 2.40
C ASN A 245 13.91 -8.40 1.93
N VAL A 246 13.27 -7.25 2.06
CA VAL A 246 11.95 -7.01 1.50
C VAL A 246 11.87 -7.46 0.01
N ASP A 247 10.71 -7.93 -0.44
CA ASP A 247 10.56 -8.33 -1.85
C ASP A 247 10.16 -7.20 -2.82
N GLY A 248 9.61 -6.11 -2.26
CA GLY A 248 9.11 -5.01 -3.07
C GLY A 248 8.39 -3.92 -2.31
N PHE A 249 7.79 -3.00 -3.07
CA PHE A 249 7.26 -1.79 -2.46
C PHE A 249 5.97 -1.38 -3.10
N ARG A 250 5.07 -0.91 -2.26
CA ARG A 250 3.99 -0.11 -2.75
C ARG A 250 4.35 1.32 -2.38
N LEU A 251 4.50 2.20 -3.38
CA LEU A 251 4.82 3.61 -3.17
C LEU A 251 3.56 4.40 -3.00
N ASP A 252 3.44 5.12 -1.89
CA ASP A 252 2.21 5.85 -1.54
C ASP A 252 2.12 7.12 -2.33
N ALA A 253 0.87 7.45 -2.73
CA ALA A 253 0.50 8.69 -3.45
C ALA A 253 1.58 9.26 -4.41
N VAL A 254 1.96 8.51 -5.42
CA VAL A 254 2.98 8.98 -6.31
C VAL A 254 2.62 10.28 -7.02
N HIS A 255 1.35 10.56 -7.22
CA HIS A 255 0.93 11.82 -7.86
C HIS A 255 1.28 13.04 -7.03
N ALA A 256 1.48 12.85 -5.74
CA ALA A 256 1.98 13.89 -4.86
C ALA A 256 3.53 13.92 -4.77
N ILE A 257 4.24 13.14 -5.60
CA ILE A 257 5.70 13.30 -5.64
C ILE A 257 6.02 14.06 -6.89
N ILE A 258 6.37 15.33 -6.71
CA ILE A 258 6.48 16.25 -7.85
C ILE A 258 7.94 16.53 -8.13
N ASP A 259 8.32 16.45 -9.40
CA ASP A 259 9.71 16.54 -9.77
C ASP A 259 9.92 17.02 -11.24
N THR A 260 10.40 18.24 -11.40
CA THR A 260 10.71 18.70 -12.73
C THR A 260 12.15 18.40 -13.20
N SER A 261 12.88 17.51 -12.50
CA SER A 261 14.27 17.20 -12.86
C SER A 261 14.35 16.48 -14.21
N PRO A 262 15.55 16.49 -14.84
CA PRO A 262 15.65 15.81 -16.17
C PRO A 262 15.23 14.33 -16.11
N LYS A 263 15.48 13.64 -15.00
CA LYS A 263 15.02 12.28 -14.79
C LYS A 263 14.26 12.26 -13.46
N HIS A 264 13.01 11.83 -13.53
CA HIS A 264 12.10 11.94 -12.41
C HIS A 264 12.50 10.99 -11.28
N ILE A 265 12.25 11.40 -10.04
CA ILE A 265 12.72 10.65 -8.87
C ILE A 265 12.07 9.24 -8.87
N LEU A 266 10.82 9.21 -9.36
CA LEU A 266 10.11 7.94 -9.51
C LEU A 266 10.81 7.01 -10.49
N GLU A 267 11.36 7.53 -11.58
CA GLU A 267 12.08 6.65 -12.47
C GLU A 267 13.34 6.10 -11.76
N GLU A 268 13.90 6.89 -10.87
CA GLU A 268 15.10 6.48 -10.20
C GLU A 268 14.81 5.45 -9.09
N ILE A 269 13.67 5.63 -8.41
CA ILE A 269 13.26 4.67 -7.40
C ILE A 269 13.09 3.31 -8.08
N ALA A 270 12.40 3.29 -9.23
CA ALA A 270 12.19 2.04 -9.94
C ALA A 270 13.52 1.41 -10.30
N ASP A 271 14.44 2.25 -10.74
CA ASP A 271 15.81 1.86 -11.06
C ASP A 271 16.51 1.14 -9.94
N VAL A 272 16.39 1.69 -8.73
CA VAL A 272 17.03 1.04 -7.60
C VAL A 272 16.40 -0.32 -7.41
N VAL A 273 15.06 -0.39 -7.33
CA VAL A 273 14.44 -1.67 -7.03
C VAL A 273 14.77 -2.72 -8.11
N HIS A 274 14.90 -2.27 -9.36
CA HIS A 274 15.21 -3.21 -10.40
C HIS A 274 16.67 -3.60 -10.42
N LYS A 275 17.54 -2.67 -10.02
CA LYS A 275 18.94 -3.00 -9.84
C LYS A 275 19.07 -4.24 -8.95
N TYR A 276 18.27 -4.29 -7.88
CA TYR A 276 18.34 -5.39 -6.90
C TYR A 276 17.23 -6.40 -7.12
N ASN A 277 16.80 -6.49 -8.38
CA ASN A 277 15.78 -7.43 -8.81
C ASN A 277 14.48 -7.56 -8.02
N ARG A 278 13.90 -6.44 -7.60
CA ARG A 278 12.68 -6.47 -6.84
C ARG A 278 11.47 -5.91 -7.66
N ILE A 279 10.35 -5.63 -6.97
CA ILE A 279 9.07 -5.23 -7.55
C ILE A 279 8.56 -3.90 -6.95
N VAL A 280 8.14 -2.99 -7.82
CA VAL A 280 7.50 -1.78 -7.32
C VAL A 280 6.12 -1.60 -7.90
N ILE A 281 5.19 -1.38 -6.98
CA ILE A 281 3.82 -0.98 -7.29
C ILE A 281 3.63 0.47 -6.89
N ALA A 282 2.94 1.26 -7.70
CA ALA A 282 2.73 2.66 -7.35
C ALA A 282 1.24 2.88 -7.04
N GLN A 283 0.92 3.63 -6.01
CA GLN A 283 -0.44 4.14 -5.96
C GLN A 283 -0.49 5.45 -6.77
N SER A 284 -1.17 5.44 -7.92
CA SER A 284 -1.30 6.67 -8.72
C SER A 284 -2.72 7.10 -8.96
N ASP A 285 -3.08 8.34 -8.62
CA ASP A 285 -4.35 8.99 -9.08
C ASP A 285 -4.24 9.66 -10.43
N LEU A 286 -3.18 9.42 -11.16
CA LEU A 286 -2.90 10.19 -12.36
C LEU A 286 -3.63 9.63 -13.59
N ASN A 287 -4.00 8.35 -13.53
CA ASN A 287 -4.54 7.61 -14.68
C ASN A 287 -3.67 7.90 -15.89
N ASP A 288 -2.37 7.75 -15.70
CA ASP A 288 -1.38 8.06 -16.72
C ASP A 288 -0.43 6.90 -16.90
N PRO A 289 -0.43 6.22 -18.06
CA PRO A 289 0.43 5.03 -18.28
C PRO A 289 1.95 5.30 -18.12
N ARG A 290 2.29 6.58 -18.07
CA ARG A 290 3.64 7.01 -17.86
C ARG A 290 4.30 6.42 -16.58
N VAL A 291 3.48 6.21 -15.56
CA VAL A 291 3.97 5.62 -14.34
C VAL A 291 4.49 4.23 -14.62
N VAL A 292 3.90 3.56 -15.58
CA VAL A 292 4.02 2.12 -15.64
C VAL A 292 4.65 1.66 -16.99
N ASN A 293 4.73 2.58 -17.95
CA ASN A 293 5.31 2.34 -19.26
C ASN A 293 6.81 2.10 -19.18
N PRO A 294 7.35 1.35 -20.14
CA PRO A 294 8.80 1.23 -20.14
C PRO A 294 9.52 2.54 -20.51
N LYS A 295 10.78 2.63 -20.13
CA LYS A 295 11.57 3.82 -20.40
C LYS A 295 11.54 4.18 -21.88
N GLU A 296 11.68 3.17 -22.75
CA GLU A 296 11.74 3.41 -24.19
C GLU A 296 10.36 3.91 -24.66
N LYS A 297 9.37 3.76 -23.79
CA LYS A 297 8.12 4.39 -24.11
C LYS A 297 7.83 5.63 -23.23
N CYS A 298 8.89 6.22 -22.65
CA CYS A 298 8.85 7.48 -21.87
C CYS A 298 8.28 7.35 -20.50
N GLY A 299 8.29 6.15 -19.96
CA GLY A 299 7.67 5.93 -18.67
C GLY A 299 8.71 5.74 -17.60
N TYR A 300 8.26 5.60 -16.35
CA TYR A 300 9.14 5.41 -15.22
C TYR A 300 9.45 3.93 -15.00
N ASN A 301 8.68 3.06 -15.64
CA ASN A 301 8.93 1.63 -15.57
C ASN A 301 8.68 0.97 -14.19
N ILE A 302 7.79 1.56 -13.39
CA ILE A 302 7.20 0.91 -12.22
C ILE A 302 6.40 -0.30 -12.70
N ASP A 303 6.39 -1.36 -11.90
CA ASP A 303 5.90 -2.67 -12.37
C ASP A 303 4.38 -2.73 -12.54
N ALA A 304 3.67 -1.97 -11.71
CA ALA A 304 2.24 -2.00 -11.70
C ALA A 304 1.79 -0.81 -10.87
N GLN A 305 0.54 -0.41 -11.05
CA GLN A 305 -0.07 0.71 -10.28
C GLN A 305 -1.53 0.38 -9.88
N TRP A 306 -1.97 0.89 -8.73
CA TRP A 306 -3.36 0.70 -8.32
C TRP A 306 -4.29 1.34 -9.30
N VAL A 307 -5.38 0.65 -9.61
CA VAL A 307 -6.39 1.27 -10.45
C VAL A 307 -7.72 1.43 -9.66
N ASP A 308 -7.94 2.60 -9.07
CA ASP A 308 -9.20 2.83 -8.35
C ASP A 308 -10.41 2.70 -9.27
N ASP A 309 -10.23 2.95 -10.56
CA ASP A 309 -11.42 3.00 -11.43
C ASP A 309 -12.11 1.65 -11.40
N PHE A 310 -11.35 0.54 -11.37
CA PHE A 310 -11.91 -0.78 -11.21
C PHE A 310 -12.75 -0.83 -9.94
N HIS A 311 -12.11 -0.68 -8.78
CA HIS A 311 -12.88 -0.61 -7.54
C HIS A 311 -14.14 0.34 -7.57
N HIS A 312 -13.99 1.57 -8.03
CA HIS A 312 -15.12 2.50 -7.97
C HIS A 312 -16.29 2.03 -8.82
N SER A 313 -15.99 1.55 -10.03
CA SER A 313 -16.96 0.97 -10.91
C SER A 313 -17.86 -0.01 -10.23
N ILE A 314 -17.23 -0.89 -9.44
CA ILE A 314 -17.93 -1.97 -8.80
C ILE A 314 -18.74 -1.43 -7.64
N HIS A 315 -18.04 -0.68 -6.78
CA HIS A 315 -18.65 -0.16 -5.58
C HIS A 315 -19.84 0.74 -5.93
N ALA A 316 -19.63 1.78 -6.73
CA ALA A 316 -20.72 2.67 -7.12
C ALA A 316 -21.96 1.91 -7.64
N TYR A 317 -21.71 1.00 -8.61
CA TYR A 317 -22.75 0.25 -9.29
C TYR A 317 -23.58 -0.51 -8.27
N LEU A 318 -22.85 -1.39 -7.54
CA LEU A 318 -23.45 -2.32 -6.60
C LEU A 318 -24.14 -1.62 -5.44
N THR A 319 -23.51 -0.57 -4.91
CA THR A 319 -24.03 0.16 -3.72
C THR A 319 -25.06 1.26 -4.02
N GLY A 320 -25.04 1.80 -5.22
CA GLY A 320 -25.91 2.93 -5.52
C GLY A 320 -25.33 4.24 -5.00
N GLU A 321 -24.16 4.16 -4.37
CA GLU A 321 -23.53 5.33 -3.76
C GLU A 321 -22.90 6.33 -4.78
N ARG A 322 -23.10 7.63 -4.50
CA ARG A 322 -22.60 8.66 -5.37
C ARG A 322 -21.88 9.81 -4.70
N GLN A 323 -21.59 9.74 -3.39
CA GLN A 323 -20.85 10.83 -2.69
C GLN A 323 -19.45 10.90 -3.25
N GLY A 324 -18.86 12.09 -3.20
CA GLY A 324 -17.43 12.18 -3.51
C GLY A 324 -17.08 11.61 -4.88
N TYR A 325 -15.97 10.87 -4.95
CA TYR A 325 -15.50 10.39 -6.24
C TYR A 325 -16.44 9.42 -6.98
N TYR A 326 -17.33 8.76 -6.24
CA TYR A 326 -18.36 7.91 -6.81
C TYR A 326 -19.32 8.62 -7.80
N THR A 327 -19.44 9.93 -7.69
CA THR A 327 -20.26 10.64 -8.63
C THR A 327 -19.84 10.36 -10.08
N ASP A 328 -18.54 10.13 -10.30
CA ASP A 328 -18.05 9.84 -11.62
C ASP A 328 -18.38 8.43 -12.07
N PHE A 329 -19.16 7.67 -11.32
CA PHE A 329 -19.37 6.26 -11.65
C PHE A 329 -20.83 5.91 -11.39
N GLY A 330 -21.18 4.63 -11.45
CA GLY A 330 -22.54 4.22 -11.22
C GLY A 330 -23.09 3.25 -12.23
N ASN A 331 -22.68 3.32 -13.49
CA ASN A 331 -23.22 2.40 -14.50
C ASN A 331 -22.55 1.07 -14.66
N LEU A 332 -23.29 0.10 -15.23
CA LEU A 332 -22.74 -1.19 -15.58
C LEU A 332 -21.61 -1.00 -16.60
N ASP A 333 -21.88 -0.14 -17.57
CA ASP A 333 -20.92 0.31 -18.55
C ASP A 333 -19.55 0.54 -17.96
N ASP A 334 -19.50 1.19 -16.80
CA ASP A 334 -18.24 1.63 -16.19
C ASP A 334 -17.44 0.39 -15.84
N ILE A 335 -18.08 -0.60 -15.26
CA ILE A 335 -17.42 -1.89 -15.03
C ILE A 335 -16.90 -2.55 -16.32
N VAL A 336 -17.73 -2.62 -17.37
CA VAL A 336 -17.21 -3.22 -18.60
C VAL A 336 -16.04 -2.40 -19.15
N LYS A 337 -16.21 -1.09 -19.12
CA LYS A 337 -15.10 -0.23 -19.55
C LYS A 337 -13.82 -0.58 -18.81
N SER A 338 -13.84 -0.53 -17.48
CA SER A 338 -12.64 -0.80 -16.73
C SER A 338 -12.14 -2.24 -16.95
N TYR A 339 -13.07 -3.14 -17.25
CA TYR A 339 -12.69 -4.55 -17.52
C TYR A 339 -11.93 -4.66 -18.81
N LYS A 340 -12.14 -3.76 -19.74
CA LYS A 340 -11.45 -3.93 -21.00
C LYS A 340 -10.46 -2.89 -21.46
N ASP A 341 -10.56 -1.67 -20.94
CA ASP A 341 -9.62 -0.59 -21.19
C ASP A 341 -8.91 -0.13 -19.89
N VAL A 342 -8.95 -0.94 -18.83
CA VAL A 342 -8.29 -0.62 -17.53
C VAL A 342 -8.80 0.67 -16.85
N PHE A 343 -8.61 1.83 -17.47
CA PHE A 343 -9.11 3.09 -16.89
C PHE A 343 -10.51 3.43 -17.35
N VAL A 344 -11.40 3.80 -16.43
CA VAL A 344 -12.71 4.36 -16.84
C VAL A 344 -12.46 5.82 -17.31
N TYR A 345 -11.68 6.58 -16.54
CA TYR A 345 -11.26 7.90 -17.02
C TYR A 345 -9.94 7.79 -17.75
N ASP A 346 -10.06 7.56 -19.07
CA ASP A 346 -8.93 7.41 -20.00
C ASP A 346 -8.75 8.65 -20.88
N GLY A 347 -9.10 9.80 -20.36
CA GLY A 347 -9.02 10.99 -21.13
C GLY A 347 -10.40 11.51 -21.40
N LYS A 348 -11.29 11.46 -20.40
CA LYS A 348 -12.61 12.06 -20.59
C LYS A 348 -12.93 12.99 -19.44
N TYR A 349 -14.00 13.77 -19.56
CA TYR A 349 -14.35 14.79 -18.54
C TYR A 349 -14.86 14.21 -17.21
N SER A 350 -14.22 14.55 -16.10
CA SER A 350 -14.69 14.12 -14.81
C SER A 350 -15.44 15.24 -14.12
N ASN A 351 -16.75 15.08 -13.88
CA ASN A 351 -17.51 16.05 -13.07
C ASN A 351 -16.97 16.17 -11.65
N PHE A 352 -16.49 15.07 -11.09
CA PHE A 352 -15.88 15.17 -9.77
C PHE A 352 -14.67 16.08 -9.81
N ARG A 353 -13.82 15.95 -10.82
CA ARG A 353 -12.55 16.71 -10.87
C ARG A 353 -12.67 18.04 -11.62
N ARG A 354 -13.65 18.13 -12.51
CA ARG A 354 -13.95 19.32 -13.34
C ARG A 354 -12.79 19.59 -14.26
N LYS A 355 -12.48 18.59 -15.05
CA LYS A 355 -11.40 18.59 -16.02
C LYS A 355 -11.32 17.25 -16.69
N THR A 356 -10.64 17.23 -17.83
CA THR A 356 -10.38 16.00 -18.54
C THR A 356 -9.38 15.27 -17.71
N HIS A 357 -9.66 13.99 -17.48
CA HIS A 357 -8.80 13.17 -16.66
C HIS A 357 -8.37 11.89 -17.36
N GLY A 358 -7.07 11.60 -17.33
CA GLY A 358 -6.52 10.31 -17.71
C GLY A 358 -6.02 10.17 -19.13
N GLU A 359 -5.60 8.97 -19.52
CA GLU A 359 -5.00 8.67 -20.83
C GLU A 359 -5.19 7.18 -21.14
N PRO A 360 -5.35 6.78 -22.40
CA PRO A 360 -5.43 5.33 -22.59
C PRO A 360 -4.13 4.62 -22.22
N VAL A 361 -4.25 3.33 -21.97
CA VAL A 361 -3.17 2.57 -21.36
C VAL A 361 -2.47 1.68 -22.41
N GLY A 362 -3.03 1.67 -23.63
CA GLY A 362 -2.45 0.96 -24.75
C GLY A 362 -2.56 -0.56 -24.70
N GLU A 363 -1.47 -1.20 -25.09
CA GLU A 363 -1.40 -2.66 -25.18
C GLU A 363 -0.77 -3.32 -23.95
N LEU A 364 -0.41 -2.56 -22.90
CA LEU A 364 0.10 -3.12 -21.62
C LEU A 364 -0.80 -4.27 -21.12
N ASP A 365 -0.22 -5.34 -20.58
CA ASP A 365 -1.05 -6.42 -20.14
C ASP A 365 -1.53 -6.16 -18.71
N GLY A 366 -2.36 -7.06 -18.19
CA GLY A 366 -3.08 -6.83 -16.95
C GLY A 366 -2.17 -6.76 -15.73
N CYS A 367 -0.97 -7.29 -15.82
CA CYS A 367 -0.17 -7.33 -14.60
C CYS A 367 0.64 -6.04 -14.39
N ASN A 368 0.35 -5.01 -15.16
CA ASN A 368 0.74 -3.68 -14.77
C ASN A 368 -0.24 -2.97 -13.87
N PHE A 369 -1.27 -3.65 -13.37
CA PHE A 369 -2.31 -2.97 -12.63
C PHE A 369 -2.79 -3.78 -11.42
N VAL A 370 -3.14 -3.13 -10.33
CA VAL A 370 -3.69 -3.91 -9.23
C VAL A 370 -5.07 -3.40 -8.91
N VAL A 371 -5.98 -4.34 -8.62
CA VAL A 371 -7.40 -4.03 -8.47
C VAL A 371 -7.85 -4.68 -7.18
N TYR A 372 -9.08 -4.38 -6.71
CA TYR A 372 -9.45 -4.67 -5.31
C TYR A 372 -10.87 -4.15 -5.13
N ILE A 373 -11.65 -4.77 -4.22
CA ILE A 373 -12.97 -4.23 -3.89
C ILE A 373 -12.85 -3.58 -2.51
N GLN A 374 -11.78 -3.89 -1.78
CA GLN A 374 -11.58 -3.32 -0.45
C GLN A 374 -10.13 -2.96 -0.28
N ASN A 375 -9.84 -1.93 0.52
CA ASN A 375 -8.48 -1.70 0.98
C ASN A 375 -8.54 -0.67 2.05
N HIS A 376 -7.39 -0.35 2.62
CA HIS A 376 -7.39 0.51 3.80
C HIS A 376 -8.06 1.86 3.54
N ASP A 377 -7.90 2.42 2.34
CA ASP A 377 -8.57 3.68 1.97
C ASP A 377 -10.03 3.54 1.71
N GLN A 378 -10.40 2.63 0.83
CA GLN A 378 -11.80 2.51 0.44
C GLN A 378 -12.72 2.05 1.58
N VAL A 379 -12.13 1.58 2.68
CA VAL A 379 -12.90 1.34 3.88
C VAL A 379 -12.69 2.53 4.83
N GLY A 380 -11.42 2.76 5.18
CA GLY A 380 -11.06 3.73 6.18
C GLY A 380 -11.43 5.19 5.96
N ASN A 381 -11.56 5.62 4.72
CA ASN A 381 -11.87 7.00 4.43
C ASN A 381 -13.38 7.25 4.43
N ARG A 382 -14.16 6.26 4.83
CA ARG A 382 -15.57 6.51 5.01
C ARG A 382 -15.72 6.99 6.46
N GLY A 383 -16.55 8.00 6.66
CA GLY A 383 -16.79 8.56 7.98
C GLY A 383 -17.07 7.48 8.99
N LYS A 384 -17.89 6.50 8.62
CA LYS A 384 -18.23 5.39 9.51
C LYS A 384 -17.45 4.10 9.23
N GLY A 385 -16.32 4.20 8.52
CA GLY A 385 -15.47 3.04 8.23
C GLY A 385 -16.10 1.76 7.73
N GLU A 386 -17.31 1.80 7.16
CA GLU A 386 -17.98 0.54 6.79
C GLU A 386 -17.29 -0.28 5.67
N ARG A 387 -17.08 -1.59 5.93
CA ARG A 387 -16.67 -2.54 4.91
C ARG A 387 -17.78 -2.75 3.85
N ILE A 388 -17.39 -3.20 2.66
CA ILE A 388 -18.32 -3.26 1.56
C ILE A 388 -19.44 -4.22 1.92
N ILE A 389 -19.08 -5.20 2.76
CA ILE A 389 -20.01 -6.23 3.17
C ILE A 389 -21.28 -5.67 3.88
N LYS A 390 -21.20 -4.47 4.47
CA LYS A 390 -22.39 -3.80 5.02
C LYS A 390 -23.22 -3.04 3.98
N LEU A 391 -22.67 -2.87 2.77
CA LEU A 391 -23.27 -1.94 1.82
C LEU A 391 -23.98 -2.63 0.66
N VAL A 392 -23.88 -3.95 0.64
CA VAL A 392 -24.45 -4.80 -0.38
C VAL A 392 -25.00 -6.11 0.26
N ASP A 393 -25.78 -6.88 -0.50
CA ASP A 393 -26.24 -8.12 0.01
C ASP A 393 -25.20 -9.22 -0.22
N ARG A 394 -25.53 -10.43 0.18
CA ARG A 394 -24.55 -11.50 0.25
C ARG A 394 -24.18 -11.88 -1.13
N GLU A 395 -25.19 -12.14 -1.97
CA GLU A 395 -24.97 -12.44 -3.38
C GLU A 395 -24.05 -11.39 -3.99
N SER A 396 -24.39 -10.13 -3.78
CA SER A 396 -23.62 -9.04 -4.34
C SER A 396 -22.16 -9.08 -3.89
N TYR A 397 -21.91 -9.35 -2.60
CA TYR A 397 -20.54 -9.41 -2.07
C TYR A 397 -19.70 -10.39 -2.85
N LYS A 398 -20.23 -11.61 -3.02
CA LYS A 398 -19.55 -12.68 -3.73
C LYS A 398 -19.37 -12.34 -5.22
N ILE A 399 -20.37 -11.66 -5.80
CA ILE A 399 -20.22 -11.20 -7.17
C ILE A 399 -19.02 -10.25 -7.30
N ALA A 400 -18.96 -9.26 -6.42
CA ALA A 400 -17.73 -8.41 -6.25
C ALA A 400 -16.38 -9.15 -6.12
N ALA A 401 -16.32 -10.16 -5.27
CA ALA A 401 -15.08 -10.87 -5.06
C ALA A 401 -14.71 -11.55 -6.36
N ALA A 402 -15.67 -12.18 -6.98
CA ALA A 402 -15.44 -12.81 -8.28
C ALA A 402 -14.96 -11.79 -9.36
N LEU A 403 -15.59 -10.63 -9.44
CA LEU A 403 -15.26 -9.69 -10.49
C LEU A 403 -13.78 -9.35 -10.48
N TYR A 404 -13.21 -9.21 -9.28
CA TYR A 404 -11.86 -8.70 -9.23
C TYR A 404 -10.85 -9.82 -9.15
N LEU A 405 -11.18 -10.91 -8.48
CA LEU A 405 -10.20 -11.98 -8.41
C LEU A 405 -10.05 -12.74 -9.74
N LEU A 406 -11.14 -12.78 -10.52
CA LEU A 406 -11.12 -13.38 -11.84
C LEU A 406 -10.75 -12.39 -12.98
N SER A 407 -10.35 -11.18 -12.58
CA SER A 407 -9.95 -10.14 -13.54
C SER A 407 -8.51 -10.36 -14.07
N PRO A 408 -8.16 -9.71 -15.20
CA PRO A 408 -6.77 -9.85 -15.75
C PRO A 408 -5.67 -9.24 -14.88
N TYR A 409 -6.07 -8.51 -13.85
CA TYR A 409 -5.18 -7.62 -13.11
C TYR A 409 -4.67 -8.33 -11.87
N ILE A 410 -3.64 -7.80 -11.24
CA ILE A 410 -3.20 -8.30 -9.96
C ILE A 410 -4.25 -7.90 -8.92
N PRO A 411 -4.86 -8.90 -8.22
CA PRO A 411 -5.88 -8.67 -7.20
C PRO A 411 -5.31 -8.45 -5.81
N MET A 412 -5.99 -7.59 -5.04
CA MET A 412 -5.55 -7.37 -3.68
C MET A 412 -6.63 -7.49 -2.65
N ILE A 413 -6.47 -8.47 -1.74
CA ILE A 413 -7.46 -8.72 -0.71
C ILE A 413 -7.12 -7.84 0.49
N PHE A 414 -8.14 -7.21 1.08
CA PHE A 414 -7.94 -6.38 2.26
C PHE A 414 -8.16 -7.23 3.51
N MET A 415 -7.11 -7.38 4.31
CA MET A 415 -7.18 -8.21 5.51
C MET A 415 -8.58 -8.33 6.11
N GLY A 416 -9.20 -9.51 6.09
CA GLY A 416 -10.46 -9.69 6.80
C GLY A 416 -11.56 -9.95 5.79
N GLU A 417 -11.40 -9.35 4.62
CA GLU A 417 -12.36 -9.43 3.52
C GLU A 417 -12.70 -10.90 3.20
N GLU A 418 -11.71 -11.81 3.27
CA GLU A 418 -11.88 -13.17 2.76
C GLU A 418 -12.79 -13.99 3.63
N TYR A 419 -12.93 -13.64 4.89
CA TYR A 419 -13.77 -14.49 5.72
C TYR A 419 -15.04 -13.75 6.04
N GLY A 420 -15.28 -12.63 5.36
CA GLY A 420 -16.43 -11.78 5.63
C GLY A 420 -16.35 -10.99 6.93
N GLU A 421 -15.20 -10.40 7.29
CA GLU A 421 -15.16 -9.46 8.45
C GLU A 421 -16.31 -8.51 8.34
N GLU A 422 -16.98 -8.20 9.44
CA GLU A 422 -17.94 -7.13 9.48
C GLU A 422 -17.51 -5.87 10.26
N ASN A 423 -16.44 -5.92 11.08
CA ASN A 423 -16.01 -4.72 11.83
C ASN A 423 -15.48 -3.63 10.93
N PRO A 424 -15.73 -2.36 11.31
CA PRO A 424 -15.26 -1.26 10.46
C PRO A 424 -13.74 -1.13 10.50
N PHE A 425 -13.20 -0.31 9.60
CA PHE A 425 -11.81 0.10 9.73
C PHE A 425 -11.82 1.61 9.75
N TYR A 426 -11.53 2.21 10.93
CA TYR A 426 -11.63 3.65 11.10
C TYR A 426 -10.30 4.31 10.86
N PHE A 427 -10.32 5.63 10.65
CA PHE A 427 -9.10 6.37 10.80
C PHE A 427 -8.80 6.52 12.26
N PHE A 428 -7.56 6.20 12.64
CA PHE A 428 -7.06 6.41 14.00
C PHE A 428 -5.65 6.97 13.96
N SER A 429 -5.33 7.70 15.01
CA SER A 429 -4.06 8.36 15.18
C SER A 429 -3.79 8.42 16.66
N ASP A 430 -2.52 8.71 16.98
CA ASP A 430 -2.04 8.70 18.34
C ASP A 430 -1.02 9.82 18.59
N PHE A 431 -1.28 11.01 18.04
CA PHE A 431 -0.45 12.21 18.37
C PHE A 431 -0.52 12.58 19.86
N SER A 432 0.45 13.33 20.36
CA SER A 432 0.42 13.77 21.76
C SER A 432 0.29 15.31 21.90
N ASP A 433 0.59 16.01 20.82
CA ASP A 433 0.60 17.48 20.70
C ASP A 433 -0.82 18.01 20.57
N SER A 434 -1.31 18.80 21.53
CA SER A 434 -2.73 19.11 21.57
C SER A 434 -3.29 19.94 20.40
N LYS A 435 -2.39 20.63 19.67
CA LYS A 435 -2.77 21.36 18.45
C LYS A 435 -2.95 20.41 17.25
N LEU A 436 -2.10 19.36 17.15
CA LEU A 436 -2.20 18.32 16.08
C LEU A 436 -3.29 17.29 16.38
N ILE A 437 -3.68 17.17 17.65
CA ILE A 437 -4.81 16.35 18.09
C ILE A 437 -6.09 17.03 17.64
N GLN A 438 -6.20 18.32 17.99
CA GLN A 438 -7.30 19.20 17.59
C GLN A 438 -7.45 19.30 16.05
N GLY A 439 -6.33 19.32 15.34
CA GLY A 439 -6.30 19.46 13.88
C GLY A 439 -6.76 18.26 13.07
N VAL A 440 -6.41 17.05 13.54
CA VAL A 440 -6.79 15.79 12.88
C VAL A 440 -8.26 15.45 13.11
N ARG A 441 -8.78 15.80 14.28
CA ARG A 441 -10.19 15.61 14.59
C ARG A 441 -11.09 16.48 13.70
N GLU A 442 -10.76 17.77 13.62
CA GLU A 442 -11.53 18.74 12.82
C GLU A 442 -11.41 18.46 11.33
N GLY A 443 -10.26 17.95 10.92
CA GLY A 443 -10.00 17.57 9.53
C GLY A 443 -10.77 16.33 9.11
N ARG A 444 -10.74 15.32 9.99
CA ARG A 444 -11.47 14.06 9.82
C ARG A 444 -12.98 14.23 9.80
N LYS A 445 -13.49 15.05 10.72
CA LYS A 445 -14.90 15.45 10.77
C LYS A 445 -15.39 16.05 9.46
N LYS A 446 -14.54 16.82 8.76
CA LYS A 446 -14.99 17.61 7.58
C LYS A 446 -14.68 17.06 6.19
N GLU A 447 -13.56 16.36 6.02
CA GLU A 447 -13.30 15.66 4.74
C GLU A 447 -14.16 14.39 4.59
N ASN A 448 -14.45 13.73 5.71
CA ASN A 448 -15.00 12.36 5.71
C ASN A 448 -16.35 12.22 6.44
N GLY A 449 -16.64 13.18 7.33
CA GLY A 449 -17.81 13.12 8.21
C GLY A 449 -17.64 12.03 9.25
N GLN A 450 -16.42 11.89 9.77
CA GLN A 450 -16.11 10.84 10.73
C GLN A 450 -16.56 11.28 12.10
N ASP A 451 -17.42 10.47 12.69
CA ASP A 451 -17.98 10.84 13.98
C ASP A 451 -17.18 10.28 15.14
N THR A 452 -16.66 9.06 14.99
CA THR A 452 -15.76 8.50 16.00
C THR A 452 -14.49 9.35 16.07
N ASP A 453 -13.91 9.47 17.25
CA ASP A 453 -12.73 10.28 17.41
C ASP A 453 -11.46 9.51 17.01
N PRO A 454 -10.71 10.07 16.06
CA PRO A 454 -9.54 9.32 15.62
C PRO A 454 -8.57 9.11 16.75
N GLN A 455 -8.58 9.99 17.73
CA GLN A 455 -7.59 9.90 18.79
C GLN A 455 -8.09 9.03 19.94
N ASP A 456 -9.31 8.49 19.82
CA ASP A 456 -9.81 7.60 20.86
C ASP A 456 -9.27 6.25 20.67
N GLU A 457 -8.72 5.69 21.74
CA GLU A 457 -8.33 4.29 21.73
C GLU A 457 -9.45 3.32 21.29
N SER A 458 -10.68 3.60 21.64
CA SER A 458 -11.75 2.72 21.24
C SER A 458 -11.87 2.63 19.73
N THR A 459 -11.49 3.71 19.03
CA THR A 459 -11.64 3.78 17.58
C THR A 459 -10.74 2.77 16.87
N PHE A 460 -9.58 2.57 17.48
CA PHE A 460 -8.56 1.64 17.05
C PHE A 460 -9.03 0.26 17.42
N ASN A 461 -9.49 0.09 18.65
CA ASN A 461 -9.94 -1.22 19.07
C ASN A 461 -11.10 -1.70 18.20
N ALA A 462 -12.06 -0.82 17.90
CA ALA A 462 -13.19 -1.17 17.03
C ALA A 462 -12.71 -1.70 15.69
N SER A 463 -11.49 -1.34 15.30
CA SER A 463 -11.01 -1.67 13.97
C SER A 463 -10.19 -2.92 13.95
N LYS A 464 -10.03 -3.56 15.09
CA LYS A 464 -9.26 -4.81 15.15
C LYS A 464 -10.06 -5.93 14.47
N LEU A 465 -9.44 -6.70 13.58
CA LEU A 465 -10.13 -7.83 12.97
C LEU A 465 -10.74 -8.76 14.03
N SER A 466 -11.93 -9.29 13.77
CA SER A 466 -12.57 -10.18 14.70
C SER A 466 -12.05 -11.60 14.59
N TRP A 467 -11.52 -11.97 13.44
CA TRP A 467 -11.31 -13.39 13.10
C TRP A 467 -12.53 -14.34 13.17
N LYS A 468 -13.75 -13.79 13.16
CA LYS A 468 -14.96 -14.60 13.17
C LYS A 468 -15.27 -15.12 11.77
N ILE A 469 -14.98 -16.40 11.52
CA ILE A 469 -14.97 -16.92 10.15
C ILE A 469 -16.37 -17.20 9.62
N ASP A 470 -16.71 -16.64 8.48
CA ASP A 470 -17.86 -17.09 7.72
C ASP A 470 -17.35 -18.18 6.73
N GLU A 471 -17.51 -19.46 7.08
CA GLU A 471 -16.94 -20.55 6.28
C GLU A 471 -17.35 -20.56 4.81
N GLU A 472 -18.54 -20.04 4.53
CA GLU A 472 -19.11 -20.06 3.18
C GLU A 472 -18.37 -19.03 2.33
N ILE A 473 -18.23 -17.82 2.87
CA ILE A 473 -17.48 -16.79 2.20
C ILE A 473 -16.03 -17.18 2.09
N PHE A 474 -15.41 -17.61 3.19
CA PHE A 474 -14.00 -18.03 3.13
C PHE A 474 -13.74 -19.10 2.09
N SER A 475 -14.62 -20.08 2.03
CA SER A 475 -14.41 -21.17 1.12
C SER A 475 -14.40 -20.67 -0.32
N PHE A 476 -15.33 -19.74 -0.61
CA PHE A 476 -15.57 -19.15 -1.92
C PHE A 476 -14.31 -18.40 -2.39
N TYR A 477 -13.76 -17.53 -1.55
CA TYR A 477 -12.45 -16.94 -1.82
C TYR A 477 -11.38 -18.01 -2.15
N LYS A 478 -11.29 -19.07 -1.33
CA LYS A 478 -10.22 -20.04 -1.47
C LYS A 478 -10.27 -20.61 -2.88
N ILE A 479 -11.48 -20.87 -3.34
CA ILE A 479 -11.62 -21.48 -4.63
C ILE A 479 -11.43 -20.45 -5.74
N LEU A 480 -12.02 -19.26 -5.60
CA LEU A 480 -11.78 -18.18 -6.54
C LEU A 480 -10.28 -18.05 -6.85
N ILE A 481 -9.47 -17.84 -5.79
CA ILE A 481 -8.01 -17.86 -5.94
C ILE A 481 -7.49 -19.10 -6.65
N LYS A 482 -7.91 -20.30 -6.25
CA LYS A 482 -7.36 -21.50 -6.90
C LYS A 482 -7.66 -21.53 -8.38
N MET A 483 -8.91 -21.27 -8.72
CA MET A 483 -9.39 -21.35 -10.09
C MET A 483 -8.69 -20.30 -10.98
N ARG A 484 -8.50 -19.11 -10.42
CA ARG A 484 -7.70 -18.07 -11.06
C ARG A 484 -6.35 -18.58 -11.57
N LYS A 485 -5.64 -19.33 -10.72
CA LYS A 485 -4.33 -19.87 -11.10
C LYS A 485 -4.48 -20.94 -12.13
N GLU A 486 -5.44 -21.84 -11.93
CA GLU A 486 -5.59 -22.97 -12.84
C GLU A 486 -6.04 -22.55 -14.22
N LEU A 487 -6.72 -21.43 -14.32
CA LEU A 487 -7.35 -21.04 -15.56
C LEU A 487 -6.47 -20.05 -16.30
N SER A 488 -5.27 -19.78 -15.78
CA SER A 488 -4.36 -18.81 -16.39
C SER A 488 -4.98 -17.45 -16.64
N ILE A 489 -5.75 -16.94 -15.68
CA ILE A 489 -6.46 -15.69 -15.88
C ILE A 489 -5.52 -14.52 -15.82
N ALA A 490 -4.46 -14.65 -15.01
CA ALA A 490 -3.55 -13.55 -14.72
C ALA A 490 -2.97 -12.86 -15.95
N CYS A 491 -3.05 -11.53 -15.95
CA CYS A 491 -2.43 -10.64 -16.96
C CYS A 491 -3.13 -10.61 -18.32
N ASP A 492 -3.98 -11.60 -18.57
CA ASP A 492 -4.52 -11.81 -19.89
C ASP A 492 -5.73 -10.92 -20.18
N ARG A 493 -5.52 -9.87 -20.98
CA ARG A 493 -6.58 -8.89 -21.28
C ARG A 493 -7.49 -9.28 -22.45
N ARG A 494 -7.25 -10.43 -23.07
CA ARG A 494 -8.11 -10.89 -24.16
C ARG A 494 -9.40 -11.54 -23.63
N VAL A 495 -10.37 -10.71 -23.31
CA VAL A 495 -11.62 -11.12 -22.72
C VAL A 495 -12.75 -10.52 -23.52
N ASN A 496 -13.78 -11.32 -23.79
CA ASN A 496 -14.95 -10.86 -24.50
C ASN A 496 -16.06 -10.60 -23.49
N VAL A 497 -16.53 -9.36 -23.41
CA VAL A 497 -17.57 -9.07 -22.42
C VAL A 497 -18.88 -8.53 -23.01
N VAL A 498 -19.96 -9.27 -22.77
CA VAL A 498 -21.32 -8.89 -23.15
C VAL A 498 -22.08 -8.43 -21.91
N ASN A 499 -23.02 -7.50 -22.06
CA ASN A 499 -23.86 -7.05 -20.95
C ASN A 499 -25.28 -6.81 -21.36
N GLY A 500 -26.22 -7.08 -20.45
CA GLY A 500 -27.59 -6.73 -20.66
C GLY A 500 -27.89 -5.74 -19.58
N GLU A 501 -29.16 -5.42 -19.41
CA GLU A 501 -29.55 -4.48 -18.37
C GLU A 501 -28.93 -4.79 -16.98
N ASN A 502 -29.15 -6.00 -16.45
CA ASN A 502 -28.73 -6.29 -15.09
C ASN A 502 -27.84 -7.53 -14.98
N TRP A 503 -27.05 -7.80 -16.01
CA TRP A 503 -26.16 -8.95 -16.01
C TRP A 503 -25.00 -8.71 -16.95
N LEU A 504 -23.91 -9.43 -16.74
CA LEU A 504 -22.85 -9.49 -17.74
C LEU A 504 -22.13 -10.80 -17.70
N ILE A 505 -21.67 -11.23 -18.86
CA ILE A 505 -20.94 -12.47 -19.03
C ILE A 505 -19.54 -12.06 -19.43
N ILE A 506 -18.52 -12.57 -18.76
CA ILE A 506 -17.18 -12.31 -19.22
C ILE A 506 -16.60 -13.65 -19.65
N LYS A 507 -15.99 -13.69 -20.82
CA LYS A 507 -15.37 -14.91 -21.35
C LYS A 507 -13.87 -14.75 -21.58
N GLY A 508 -13.06 -15.64 -20.98
CA GLY A 508 -11.63 -15.63 -21.22
C GLY A 508 -11.22 -16.71 -22.20
N ARG A 509 -9.92 -16.93 -22.29
CA ARG A 509 -9.36 -18.00 -23.10
C ARG A 509 -9.82 -19.40 -22.58
N GLU A 510 -9.97 -19.53 -21.27
CA GLU A 510 -10.24 -20.83 -20.69
C GLU A 510 -11.53 -21.00 -19.91
N TYR A 511 -12.36 -19.98 -19.91
CA TYR A 511 -13.44 -19.89 -18.95
C TYR A 511 -14.45 -18.84 -19.34
N PHE A 512 -15.64 -18.93 -18.74
CA PHE A 512 -16.58 -17.80 -18.78
C PHE A 512 -17.31 -17.62 -17.50
N SER A 513 -17.61 -16.39 -17.17
CA SER A 513 -18.33 -16.15 -15.93
C SER A 513 -19.66 -15.48 -16.16
N LEU A 514 -20.65 -15.89 -15.37
CA LEU A 514 -21.95 -15.26 -15.36
C LEU A 514 -22.07 -14.35 -14.19
N TYR A 515 -22.30 -13.05 -14.41
CA TYR A 515 -22.56 -12.13 -13.28
C TYR A 515 -24.00 -11.65 -13.35
N VAL A 516 -24.84 -12.23 -12.51
CA VAL A 516 -26.25 -11.89 -12.60
C VAL A 516 -26.71 -11.05 -11.41
N PHE A 517 -27.00 -9.76 -11.67
CA PHE A 517 -27.33 -8.75 -10.66
C PHE A 517 -28.81 -8.71 -10.28
N SER A 518 -29.66 -9.08 -11.23
CA SER A 518 -31.08 -9.35 -10.96
C SER A 518 -31.52 -10.58 -11.69
N LYS A 519 -32.58 -11.22 -11.20
CA LYS A 519 -33.19 -12.26 -11.96
C LYS A 519 -33.32 -11.68 -13.38
N SER A 520 -32.74 -12.38 -14.35
CA SER A 520 -32.90 -12.00 -15.73
C SER A 520 -32.67 -13.16 -16.70
N SER A 521 -33.18 -13.04 -17.93
CA SER A 521 -33.08 -14.10 -18.93
C SER A 521 -31.93 -13.85 -19.87
N ILE A 522 -30.96 -14.75 -19.87
CA ILE A 522 -29.72 -14.54 -20.61
C ILE A 522 -29.50 -15.53 -21.76
N GLU A 523 -28.96 -15.02 -22.87
CA GLU A 523 -28.40 -15.85 -23.93
C GLU A 523 -26.94 -16.16 -23.61
N VAL A 524 -26.64 -17.44 -23.47
CA VAL A 524 -25.30 -17.91 -23.15
C VAL A 524 -24.77 -18.51 -24.42
N LYS A 525 -23.60 -18.03 -24.84
CA LYS A 525 -23.01 -18.42 -26.12
C LYS A 525 -22.00 -19.55 -26.01
N TYR A 526 -21.72 -20.02 -24.80
CA TYR A 526 -20.67 -20.99 -24.58
C TYR A 526 -21.15 -22.25 -23.91
N SER A 527 -20.33 -23.30 -23.95
CA SER A 527 -20.55 -24.55 -23.22
C SER A 527 -19.46 -24.72 -22.22
N GLY A 528 -19.79 -25.12 -21.01
CA GLY A 528 -18.73 -25.31 -20.05
C GLY A 528 -19.21 -26.12 -18.87
N THR A 529 -18.27 -26.47 -17.99
CA THR A 529 -18.65 -27.23 -16.85
C THR A 529 -18.33 -26.36 -15.65
N LEU A 530 -19.08 -26.53 -14.58
CA LEU A 530 -19.08 -25.57 -13.48
C LEU A 530 -17.87 -25.69 -12.53
N LEU A 531 -17.20 -24.59 -12.25
CA LEU A 531 -16.06 -24.65 -11.35
C LEU A 531 -16.43 -24.17 -9.97
N LEU A 532 -17.19 -23.08 -9.91
CA LEU A 532 -17.58 -22.51 -8.63
C LEU A 532 -18.80 -21.68 -8.93
N SER A 533 -19.62 -21.46 -7.91
CA SER A 533 -20.90 -20.76 -8.06
C SER A 533 -21.28 -20.07 -6.71
N SER A 534 -22.00 -18.96 -6.74
CA SER A 534 -22.40 -18.35 -5.45
C SER A 534 -23.63 -18.97 -4.78
N ASN A 535 -24.33 -19.87 -5.50
CA ASN A 535 -25.64 -20.54 -5.23
C ASN A 535 -25.57 -21.99 -5.57
N ASN A 536 -26.71 -22.67 -5.37
CA ASN A 536 -26.87 -24.05 -5.81
C ASN A 536 -27.67 -24.12 -7.08
N SER A 537 -27.86 -22.98 -7.71
CA SER A 537 -28.90 -22.93 -8.71
C SER A 537 -28.36 -22.99 -10.12
N PHE A 538 -27.04 -23.13 -10.30
CA PHE A 538 -26.42 -23.18 -11.62
C PHE A 538 -26.07 -24.64 -11.86
N PRO A 539 -26.29 -25.13 -13.12
CA PRO A 539 -26.06 -26.53 -13.49
C PRO A 539 -24.59 -26.91 -13.46
N GLN A 540 -24.29 -28.20 -13.23
CA GLN A 540 -22.92 -28.72 -13.43
C GLN A 540 -22.36 -28.47 -14.83
N HIS A 541 -23.12 -28.82 -15.86
CA HIS A 541 -22.68 -28.57 -17.22
C HIS A 541 -23.74 -27.71 -17.92
N ILE A 542 -23.31 -26.64 -18.57
CA ILE A 542 -24.22 -25.80 -19.30
C ILE A 542 -23.89 -25.82 -20.79
N GLU A 543 -24.91 -25.69 -21.61
CA GLU A 543 -24.74 -25.52 -23.06
C GLU A 543 -25.30 -24.22 -23.66
N GLU A 544 -24.78 -23.83 -24.79
CA GLU A 544 -25.29 -22.71 -25.56
C GLU A 544 -26.83 -22.76 -25.57
N GLY A 545 -27.47 -21.64 -25.23
CA GLY A 545 -28.94 -21.56 -25.11
C GLY A 545 -29.37 -20.41 -24.20
N LYS A 546 -30.65 -20.20 -24.03
CA LYS A 546 -31.14 -19.08 -23.23
C LYS A 546 -31.70 -19.59 -21.91
N TYR A 547 -31.32 -18.95 -20.81
CA TYR A 547 -31.55 -19.45 -19.45
C TYR A 547 -32.08 -18.28 -18.60
N GLU A 548 -33.03 -18.55 -17.70
CA GLU A 548 -33.44 -17.55 -16.70
C GLU A 548 -32.71 -17.72 -15.33
N PHE A 549 -31.76 -16.82 -15.00
CA PHE A 549 -31.04 -16.99 -13.74
C PHE A 549 -31.41 -16.03 -12.62
N ASP A 550 -31.33 -16.54 -11.39
CA ASP A 550 -31.50 -15.66 -10.22
C ASP A 550 -30.19 -14.93 -9.84
N LYS A 551 -30.29 -13.84 -9.08
CA LYS A 551 -29.12 -13.04 -8.71
C LYS A 551 -28.09 -14.02 -8.23
N GLY A 552 -26.90 -13.89 -8.79
CA GLY A 552 -25.78 -14.76 -8.43
C GLY A 552 -24.69 -14.79 -9.48
N PHE A 553 -23.58 -15.46 -9.15
CA PHE A 553 -22.44 -15.65 -10.03
C PHE A 553 -22.13 -17.13 -10.31
N ALA A 554 -21.55 -17.43 -11.47
CA ALA A 554 -21.08 -18.81 -11.76
C ALA A 554 -19.87 -18.79 -12.69
N LEU A 555 -18.98 -19.78 -12.58
CA LEU A 555 -17.74 -19.89 -13.34
C LEU A 555 -17.69 -21.20 -14.13
N TYR A 556 -17.48 -21.16 -15.44
CA TYR A 556 -17.46 -22.39 -16.26
C TYR A 556 -16.13 -22.54 -17.03
N LYS A 557 -15.82 -23.74 -17.53
CA LYS A 557 -14.59 -24.04 -18.31
C LYS A 557 -14.79 -24.43 -19.78
#